data_5W1Z
#
_entry.id   5W1Z
#
_cell.length_a   24.884
_cell.length_b   32.798
_cell.length_c   34.034
_cell.angle_alpha   90.25
_cell.angle_beta   107.32
_cell.angle_gamma   111.04
#
_symmetry.space_group_name_H-M   'P 1'
#
loop_
_entity.id
_entity.type
_entity.pdbx_description
1 polymer "DNA (5'-D(*CP*CP*AP*IP*IP*CP*CP*(BRU)P*IP*I)-3')"
2 non-polymer 'MAGNESIUM ION'
3 non-polymer 'SODIUM ION'
4 water water
#
_entity_poly.entity_id   1
_entity_poly.type   'polydeoxyribonucleotide'
_entity_poly.pdbx_seq_one_letter_code
;(DC)(DC)(DA)(DI)(DI)(DC)(DC)(BRU)(DI)(DI)
;
_entity_poly.pdbx_strand_id   A,B,C,D
#
loop_
_chem_comp.id
_chem_comp.type
_chem_comp.name
_chem_comp.formula
BRU DNA linking 5-BROMO-2'-DEOXYURIDINE-5'-MONOPHOSPHATE 'C9 H12 Br N2 O8 P'
DA DNA linking 2'-DEOXYADENOSINE-5'-MONOPHOSPHATE 'C10 H14 N5 O6 P'
DC DNA linking 2'-DEOXYCYTIDINE-5'-MONOPHOSPHATE 'C9 H14 N3 O7 P'
DI DNA linking 2'-DEOXYINOSINE-5'-MONOPHOSPHATE 'C10 H13 N4 O7 P'
MG non-polymer 'MAGNESIUM ION' 'Mg 2'
NA non-polymer 'SODIUM ION' 'Na 1'
#
# COMPACT_ATOMS: atom_id res chain seq x y z
N1 BRU A 8 -0.82 9.38 -1.83
C2 BRU A 8 0.39 9.52 -1.09
N3 BRU A 8 1.03 8.51 -0.51
C4 BRU A 8 0.57 7.30 -0.54
C5 BRU A 8 -0.66 7.13 -1.29
C6 BRU A 8 -1.29 8.14 -1.92
O2 BRU A 8 0.80 10.67 -1.01
O4 BRU A 8 1.12 6.33 0.01
BR BRU A 8 -1.26 5.41 -1.47
C1' BRU A 8 -1.43 10.53 -2.38
C2' BRU A 8 -2.23 10.35 -3.67
C3' BRU A 8 -3.05 11.61 -3.62
C4' BRU A 8 -3.36 11.79 -2.16
O3' BRU A 8 -2.09 12.59 -4.02
O4' BRU A 8 -2.44 10.95 -1.45
C5' BRU A 8 -4.79 11.40 -1.86
O5' BRU A 8 -5.05 10.11 -2.44
P BRU A 8 -6.49 9.39 -2.19
OP1 BRU A 8 -7.46 10.44 -2.52
OP2 BRU A 8 -6.45 8.06 -2.84
N1 BRU B 8 -8.72 9.85 12.78
C2 BRU B 8 -7.42 9.72 13.40
N3 BRU B 8 -6.63 10.74 13.65
C4 BRU B 8 -6.96 11.97 13.35
C5 BRU B 8 -8.27 12.11 12.67
C6 BRU B 8 -9.06 11.05 12.40
O2 BRU B 8 -7.09 8.57 13.75
O4 BRU B 8 -6.25 12.95 13.47
BR BRU B 8 -8.66 13.85 12.18
C1' BRU B 8 -9.48 8.67 12.49
C2' BRU B 8 -11.02 8.82 12.62
C3' BRU B 8 -11.44 7.65 11.81
C4' BRU B 8 -10.40 7.48 10.70
O3' BRU B 8 -11.15 6.59 12.66
O4' BRU B 8 -9.32 8.33 11.10
C5' BRU B 8 -11.08 7.83 9.41
O5' BRU B 8 -11.39 9.21 9.50
P BRU B 8 -12.07 9.87 8.21
OP1 BRU B 8 -12.90 8.70 7.70
OP2 BRU B 8 -12.66 11.19 8.54
N1 BRU C 8 8.55 -11.23 -12.35
C2 BRU C 8 7.26 -11.42 -12.82
N3 BRU C 8 6.57 -10.37 -13.28
C4 BRU C 8 7.01 -9.13 -13.29
C5 BRU C 8 8.30 -8.89 -12.72
C6 BRU C 8 9.01 -9.99 -12.30
O2 BRU C 8 6.75 -12.55 -12.75
O4 BRU C 8 6.29 -8.20 -13.70
BR BRU C 8 8.96 -7.16 -12.75
C1' BRU C 8 9.27 -12.39 -11.84
C2' BRU C 8 10.81 -12.42 -11.99
C3' BRU C 8 11.15 -13.53 -10.99
C4' BRU C 8 10.06 -13.37 -9.92
O3' BRU C 8 10.84 -14.76 -11.63
O4' BRU C 8 9.05 -12.47 -10.43
C5' BRU C 8 10.57 -12.84 -8.60
O5' BRU C 8 11.24 -11.67 -8.98
P BRU C 8 11.95 -10.83 -7.74
OP1 BRU C 8 12.65 -11.84 -6.91
OP2 BRU C 8 12.62 -9.61 -8.36
N1 BRU D 8 0.73 -7.74 2.18
C2 BRU D 8 -0.43 -7.58 1.38
N3 BRU D 8 -1.21 -8.61 1.11
C4 BRU D 8 -0.93 -9.83 1.46
C5 BRU D 8 0.27 -10.02 2.23
C6 BRU D 8 1.07 -8.96 2.55
O2 BRU D 8 -0.65 -6.45 0.95
O4 BRU D 8 -1.65 -10.82 1.18
BR BRU D 8 0.68 -11.74 2.69
C1' BRU D 8 1.53 -6.58 2.36
C2' BRU D 8 2.29 -6.51 3.73
C3' BRU D 8 3.30 -5.42 3.42
C4' BRU D 8 3.59 -5.59 1.90
O3' BRU D 8 2.53 -4.21 3.66
O4' BRU D 8 2.64 -6.52 1.43
C5' BRU D 8 4.99 -6.11 1.59
O5' BRU D 8 5.13 -7.19 2.50
P BRU D 8 6.52 -7.96 2.46
OP1 BRU D 8 7.63 -6.95 2.45
OP2 BRU D 8 6.45 -9.06 3.46
MG MG E . -3.45 11.91 24.48
NA NA F . -5.78 9.66 5.05
MG MG G . 2.52 -15.42 -19.11
NA NA H . 3.39 0.88 -2.23
MG MG I . 3.79 -11.94 -25.31
NA NA J . 2.46 2.73 1.98
NA NA K . 0.60 -4.11 0.21
#